data_4QXD
#
_entry.id   4QXD
#
_cell.length_a   72.741
_cell.length_b   76.289
_cell.length_c   101.067
_cell.angle_alpha   90.00
_cell.angle_beta   90.00
_cell.angle_gamma   90.00
#
_symmetry.space_group_name_H-M   'P 21 21 21'
#
loop_
_entity.id
_entity.type
_entity.pdbx_description
1 polymer "3'(2'),5'-bisphosphate nucleotidase, putative"
2 non-polymer 'PHOSPHATE ION'
3 non-polymer 'MAGNESIUM ION'
4 water water
#
_entity_poly.entity_id   1
_entity_poly.type   'polypeptide(L)'
_entity_poly.pdbx_seq_one_letter_code
;MQTSLFEFANVLITAVKEASYSISKFKEEVEIKYKSDGSEVTQVDTQSQQIIFSIIKNKYPTINIIGEEDVENGIPDNQL
PTITQLSFGSLENKIININDIIIYVDPLDGTDCYTHKQYDSVCVLVGVTYKGKPMIGIVSKPFYNNEITFAIENYISSIS
LQPLNDKIIFVCSKKNDIQHLIKSFPDPYEVKYKGGSGAKMMAIIHQEADIYYHPLIQSCTWDTLAAQVILEAQGGIVCD
IYGNPLCYPSSKKESMRHKKGVLCLSPRAKKYLPYMLSISKTILLLQHHHHHH
;
_entity_poly.pdbx_strand_id   A,B
#
loop_
_chem_comp.id
_chem_comp.type
_chem_comp.name
_chem_comp.formula
MG non-polymer 'MAGNESIUM ION' 'Mg 2'
PO4 non-polymer 'PHOSPHATE ION' 'O4 P -3'
#
# COMPACT_ATOMS: atom_id res chain seq x y z
N MET A 1 -22.01 23.10 26.24
CA MET A 1 -20.84 22.76 27.10
C MET A 1 -20.48 21.26 27.08
N GLN A 2 -21.40 20.39 26.66
CA GLN A 2 -21.15 18.94 26.73
C GLN A 2 -21.57 18.16 25.52
N THR A 3 -21.01 16.96 25.39
CA THR A 3 -21.42 16.00 24.37
C THR A 3 -21.06 14.60 24.83
N SER A 4 -21.57 13.60 24.10
CA SER A 4 -21.21 12.22 24.36
C SER A 4 -19.97 11.86 23.58
N LEU A 5 -19.22 10.92 24.15
CA LEU A 5 -18.03 10.38 23.52
C LEU A 5 -18.34 9.69 22.18
N PHE A 6 -19.43 8.92 22.12
CA PHE A 6 -19.83 8.27 20.89
C PHE A 6 -20.15 9.28 19.80
N GLU A 7 -20.89 10.33 20.14
CA GLU A 7 -21.13 11.44 19.19
C GLU A 7 -19.82 12.03 18.73
N PHE A 8 -18.96 12.32 19.68
CA PHE A 8 -17.71 13.00 19.39
C PHE A 8 -16.82 12.14 18.48
N ALA A 9 -16.69 10.86 18.82
CA ALA A 9 -15.89 9.95 18.01
C ALA A 9 -16.45 9.83 16.59
N ASN A 10 -17.78 9.77 16.47
CA ASN A 10 -18.42 9.72 15.15
C ASN A 10 -18.14 10.94 14.29
N VAL A 11 -18.16 12.11 14.92
CA VAL A 11 -17.85 13.35 14.19
C VAL A 11 -16.41 13.34 13.68
N LEU A 12 -15.47 12.98 14.55
CA LEU A 12 -14.05 12.95 14.17
C LEU A 12 -13.81 11.92 13.06
N ILE A 13 -14.44 10.75 13.20
CA ILE A 13 -14.25 9.68 12.20
C ILE A 13 -14.84 10.10 10.88
N THR A 14 -16.04 10.67 10.92
CA THR A 14 -16.66 11.23 9.73
C THR A 14 -15.73 12.26 9.04
N ALA A 15 -15.15 13.15 9.84
CA ALA A 15 -14.24 14.16 9.27
C ALA A 15 -13.05 13.52 8.57
N VAL A 16 -12.42 12.56 9.24
CA VAL A 16 -11.22 11.90 8.71
C VAL A 16 -11.54 11.12 7.43
N LYS A 17 -12.65 10.38 7.44
CA LYS A 17 -13.06 9.64 6.24
C LYS A 17 -13.21 10.60 5.09
N GLU A 18 -13.91 11.69 5.33
CA GLU A 18 -14.22 12.61 4.25
C GLU A 18 -12.93 13.23 3.71
N ALA A 19 -12.02 13.61 4.61
CA ALA A 19 -10.75 14.19 4.20
C ALA A 19 -9.90 13.20 3.40
N SER A 20 -9.74 12.01 3.94
CA SER A 20 -9.00 10.93 3.28
C SER A 20 -9.56 10.67 1.89
N TYR A 21 -10.88 10.58 1.78
CA TYR A 21 -11.52 10.38 0.51
C TYR A 21 -11.22 11.54 -0.46
N SER A 22 -11.22 12.77 0.04
CA SER A 22 -10.87 13.93 -0.80
C SER A 22 -9.45 13.76 -1.35
N ILE A 23 -8.53 13.28 -0.52
CA ILE A 23 -7.13 13.13 -0.94
C ILE A 23 -6.98 12.04 -1.97
N SER A 24 -7.52 10.87 -1.66
CA SER A 24 -7.39 9.72 -2.56
C SER A 24 -8.10 9.93 -3.91
N LYS A 25 -9.27 10.55 -3.90
CA LYS A 25 -9.92 11.01 -5.13
C LYS A 25 -9.50 12.46 -5.31
N PHE A 26 -8.56 12.69 -6.20
CA PHE A 26 -8.11 14.03 -6.58
C PHE A 26 -7.20 13.76 -7.78
N LYS A 27 -7.65 14.14 -8.97
CA LYS A 27 -6.84 13.91 -10.19
C LYS A 27 -6.34 15.21 -10.85
N GLU A 28 -6.82 16.38 -10.42
CA GLU A 28 -6.32 17.64 -10.96
C GLU A 28 -4.86 17.87 -10.65
N GLU A 29 -4.24 18.78 -11.40
CA GLU A 29 -2.82 19.09 -11.24
C GLU A 29 -2.59 19.78 -9.90
N VAL A 30 -1.60 19.30 -9.16
CA VAL A 30 -1.31 19.80 -7.85
C VAL A 30 -0.45 21.05 -8.00
N GLU A 31 -0.71 22.07 -7.18
CA GLU A 31 0.04 23.32 -7.24
C GLU A 31 0.76 23.49 -5.89
N ILE A 32 2.08 23.62 -5.94
CA ILE A 32 2.94 23.52 -4.76
C ILE A 32 3.39 24.90 -4.28
N LYS A 33 2.75 25.41 -3.22
CA LYS A 33 3.25 26.60 -2.54
C LYS A 33 4.41 26.22 -1.62
N TYR A 34 5.32 27.17 -1.40
CA TYR A 34 6.46 26.96 -0.54
C TYR A 34 6.41 27.93 0.63
N LYS A 35 6.25 27.43 1.84
CA LYS A 35 6.21 28.28 3.03
C LYS A 35 7.54 29.02 3.22
N SER A 36 7.51 30.03 4.08
CA SER A 36 8.66 30.92 4.29
C SER A 36 9.83 30.22 5.00
N ASP A 37 9.76 28.90 5.12
CA ASP A 37 10.87 28.10 5.61
C ASP A 37 11.15 26.94 4.64
N GLY A 38 10.78 27.14 3.37
CA GLY A 38 11.05 26.14 2.33
C GLY A 38 10.03 25.02 2.21
N SER A 39 9.33 24.69 3.31
CA SER A 39 8.43 23.54 3.34
C SER A 39 7.27 23.69 2.34
N GLU A 40 6.80 22.54 1.87
CA GLU A 40 5.77 22.50 0.84
C GLU A 40 4.36 22.54 1.44
N VAL A 41 3.42 22.99 0.62
CA VAL A 41 2.02 22.93 0.93
C VAL A 41 1.27 22.99 -0.40
N THR A 42 0.21 22.18 -0.53
CA THR A 42 -0.60 22.15 -1.74
C THR A 42 -2.06 22.41 -1.40
N GLN A 43 -2.85 22.66 -2.43
CA GLN A 43 -4.30 22.84 -2.25
C GLN A 43 -4.94 21.57 -1.70
N VAL A 44 -4.30 20.42 -1.92
CA VAL A 44 -4.79 19.16 -1.36
C VAL A 44 -4.64 19.15 0.17
N ASP A 45 -3.54 19.70 0.69
CA ASP A 45 -3.34 19.80 2.15
C ASP A 45 -4.42 20.71 2.73
N THR A 46 -4.61 21.87 2.14
CA THR A 46 -5.50 22.87 2.72
C THR A 46 -6.96 22.44 2.61
N GLN A 47 -7.35 21.88 1.47
CA GLN A 47 -8.73 21.43 1.30
C GLN A 47 -9.07 20.30 2.28
N SER A 48 -8.12 19.39 2.51
CA SER A 48 -8.29 18.37 3.53
C SER A 48 -8.52 18.98 4.91
N GLN A 49 -7.75 20.01 5.26
CA GLN A 49 -7.87 20.64 6.57
C GLN A 49 -9.21 21.35 6.74
N GLN A 50 -9.67 22.02 5.69
CA GLN A 50 -10.96 22.72 5.73
C GLN A 50 -12.12 21.75 5.94
N ILE A 51 -12.05 20.61 5.27
CA ILE A 51 -13.03 19.57 5.44
C ILE A 51 -13.07 19.15 6.91
N ILE A 52 -11.92 18.77 7.45
CA ILE A 52 -11.82 18.32 8.83
C ILE A 52 -12.35 19.40 9.79
N PHE A 53 -11.88 20.62 9.63
CA PHE A 53 -12.32 21.72 10.48
C PHE A 53 -13.82 22.02 10.35
N SER A 54 -14.32 22.00 9.12
CA SER A 54 -15.72 22.38 8.87
C SER A 54 -16.66 21.33 9.49
N ILE A 55 -16.36 20.06 9.26
CA ILE A 55 -17.20 19.00 9.80
C ILE A 55 -17.20 19.07 11.34
N ILE A 56 -16.05 19.27 11.94
CA ILE A 56 -15.98 19.26 13.40
C ILE A 56 -16.64 20.50 14.00
N LYS A 57 -16.28 21.67 13.48
CA LYS A 57 -16.80 22.93 14.03
C LYS A 57 -18.28 23.17 13.75
N ASN A 58 -18.82 22.56 12.70
CA ASN A 58 -20.25 22.60 12.47
C ASN A 58 -21.02 21.94 13.62
N LYS A 59 -20.47 20.90 14.22
CA LYS A 59 -21.07 20.29 15.40
C LYS A 59 -20.65 21.01 16.68
N TYR A 60 -19.38 21.36 16.80
CA TYR A 60 -18.85 21.94 18.02
C TYR A 60 -18.16 23.29 17.75
N PRO A 61 -18.96 24.35 17.58
CA PRO A 61 -18.35 25.64 17.23
C PRO A 61 -17.33 26.20 18.25
N THR A 62 -17.48 25.86 19.53
CA THR A 62 -16.57 26.31 20.57
C THR A 62 -15.23 25.58 20.62
N ILE A 63 -15.13 24.47 19.92
CA ILE A 63 -14.08 23.54 20.23
C ILE A 63 -12.69 24.06 19.83
N ASN A 64 -11.70 23.71 20.64
CA ASN A 64 -10.31 24.07 20.40
C ASN A 64 -9.65 23.06 19.45
N ILE A 65 -9.24 23.56 18.29
CA ILE A 65 -8.71 22.71 17.26
C ILE A 65 -7.56 23.39 16.54
N ILE A 66 -6.45 22.66 16.47
CA ILE A 66 -5.19 23.15 15.94
C ILE A 66 -4.74 22.29 14.76
N GLY A 67 -4.40 22.92 13.65
CA GLY A 67 -4.02 22.21 12.43
C GLY A 67 -2.71 22.71 11.86
N GLU A 68 -1.98 21.84 11.17
CA GLU A 68 -0.71 22.24 10.58
C GLU A 68 -0.90 23.51 9.78
N GLU A 69 -1.81 23.46 8.81
CA GLU A 69 -1.91 24.53 7.81
C GLU A 69 -2.67 25.77 8.29
N ASP A 70 -2.58 26.84 7.52
CA ASP A 70 -3.22 28.10 7.85
C ASP A 70 -4.62 28.22 7.26
N VAL A 71 -5.50 27.30 7.60
CA VAL A 71 -6.91 27.40 7.21
C VAL A 71 -7.75 26.96 8.38
N GLU A 72 -9.01 27.34 8.34
CA GLU A 72 -9.95 26.98 9.39
C GLU A 72 -11.14 26.29 8.73
N ASN A 73 -12.33 26.52 9.27
CA ASN A 73 -13.52 25.86 8.80
C ASN A 73 -13.99 26.73 7.66
N GLY A 74 -15.27 26.67 7.35
CA GLY A 74 -15.83 27.56 6.35
C GLY A 74 -16.73 26.80 5.40
N ILE A 75 -16.44 25.52 5.14
CA ILE A 75 -17.21 24.80 4.13
C ILE A 75 -18.63 24.72 4.69
N PRO A 76 -19.63 25.10 3.89
CA PRO A 76 -21.01 25.20 4.38
C PRO A 76 -21.61 23.85 4.69
N ASP A 77 -22.50 23.84 5.69
CA ASP A 77 -23.12 22.62 6.24
C ASP A 77 -23.65 21.67 5.16
N ASN A 78 -24.22 22.23 4.09
CA ASN A 78 -24.88 21.42 3.08
C ASN A 78 -23.96 20.76 2.04
N GLN A 79 -22.67 21.06 2.06
CA GLN A 79 -21.70 20.28 1.29
C GLN A 79 -21.01 19.19 2.12
N LEU A 80 -21.35 19.11 3.41
CA LEU A 80 -20.69 18.18 4.32
C LEU A 80 -21.49 16.88 4.45
N PRO A 81 -20.79 15.74 4.52
CA PRO A 81 -21.52 14.50 4.73
C PRO A 81 -22.27 14.49 6.06
N THR A 82 -23.28 13.65 6.15
CA THR A 82 -23.98 13.48 7.41
C THR A 82 -23.11 12.65 8.36
N ILE A 83 -23.32 12.80 9.66
CA ILE A 83 -22.46 12.18 10.65
C ILE A 83 -22.84 10.71 10.86
N THR A 84 -21.82 9.85 10.89
CA THR A 84 -22.02 8.43 11.16
C THR A 84 -22.66 8.19 12.52
N GLN A 85 -23.37 7.07 12.64
CA GLN A 85 -24.02 6.70 13.88
C GLN A 85 -23.45 5.36 14.38
N LEU A 86 -22.13 5.26 14.47
CA LEU A 86 -21.49 4.04 14.93
C LEU A 86 -21.61 3.86 16.44
N SER A 87 -21.71 2.60 16.88
CA SER A 87 -21.51 2.24 18.29
C SER A 87 -20.18 1.51 18.41
N PHE A 88 -19.63 1.46 19.61
CA PHE A 88 -18.25 1.01 19.80
C PHE A 88 -18.13 -0.12 20.81
N GLY A 89 -18.86 -1.21 20.57
CA GLY A 89 -18.75 -2.40 21.42
C GLY A 89 -18.80 -2.06 22.89
N SER A 90 -17.85 -2.61 23.66
CA SER A 90 -17.94 -2.50 25.13
C SER A 90 -17.44 -1.16 25.65
N LEU A 91 -16.91 -0.30 24.79
CA LEU A 91 -16.48 1.04 25.22
C LEU A 91 -17.64 1.78 25.87
N GLU A 92 -17.33 2.50 26.94
CA GLU A 92 -18.31 3.24 27.72
C GLU A 92 -18.51 4.63 27.13
N ASN A 93 -19.78 4.98 26.90
CA ASN A 93 -20.13 6.27 26.31
C ASN A 93 -20.20 7.37 27.40
N LYS A 94 -19.16 8.16 27.51
CA LYS A 94 -19.08 9.21 28.52
C LYS A 94 -19.70 10.52 28.05
N ILE A 95 -20.25 11.29 28.99
CA ILE A 95 -20.48 12.71 28.78
C ILE A 95 -19.17 13.42 29.03
N ILE A 96 -18.79 14.32 28.12
CA ILE A 96 -17.53 15.03 28.23
C ILE A 96 -17.72 16.52 27.96
N ASN A 97 -16.80 17.33 28.49
CA ASN A 97 -16.85 18.76 28.31
C ASN A 97 -16.10 19.20 27.07
N ILE A 98 -16.80 19.90 26.20
CA ILE A 98 -16.24 20.38 24.96
C ILE A 98 -14.99 21.24 25.22
N ASN A 99 -15.03 22.06 26.25
CA ASN A 99 -13.89 22.95 26.52
C ASN A 99 -12.69 22.26 27.17
N ASP A 100 -12.83 21.00 27.56
CA ASP A 100 -11.66 20.21 27.98
C ASP A 100 -10.96 19.56 26.81
N ILE A 101 -11.52 19.71 25.62
CA ILE A 101 -10.98 19.04 24.45
C ILE A 101 -10.04 19.95 23.68
N ILE A 102 -8.93 19.38 23.22
CA ILE A 102 -8.09 20.02 22.25
C ILE A 102 -7.78 19.02 21.18
N ILE A 103 -7.92 19.44 19.93
CA ILE A 103 -7.77 18.54 18.78
C ILE A 103 -6.60 19.00 17.95
N TYR A 104 -5.75 18.06 17.55
CA TYR A 104 -4.53 18.35 16.81
C TYR A 104 -4.57 17.64 15.47
N VAL A 105 -4.46 18.40 14.38
CA VAL A 105 -4.68 17.89 13.04
C VAL A 105 -3.50 18.08 12.09
N ASP A 106 -3.11 17.01 11.39
CA ASP A 106 -2.28 17.13 10.20
C ASP A 106 -3.17 16.65 9.08
N PRO A 107 -3.61 17.56 8.20
CA PRO A 107 -4.52 17.19 7.13
C PRO A 107 -3.84 16.31 6.09
N LEU A 108 -2.51 16.39 6.02
CA LEU A 108 -1.76 15.56 5.11
C LEU A 108 -0.31 15.48 5.59
N ASP A 109 -0.01 14.37 6.26
CA ASP A 109 1.34 14.10 6.69
C ASP A 109 2.09 13.41 5.57
N GLY A 110 3.20 14.02 5.16
CA GLY A 110 4.02 13.54 4.06
C GLY A 110 3.70 14.31 2.81
N THR A 111 3.60 15.63 2.91
CA THR A 111 3.30 16.48 1.75
C THR A 111 4.36 16.27 0.65
N ASP A 112 5.62 16.14 1.05
CA ASP A 112 6.70 15.87 0.09
C ASP A 112 6.66 14.44 -0.46
N CYS A 113 6.30 13.49 0.40
CA CYS A 113 6.04 12.11 -0.04
C CYS A 113 4.95 12.10 -1.11
N TYR A 114 3.89 12.88 -0.88
CA TYR A 114 2.81 13.02 -1.85
C TYR A 114 3.31 13.58 -3.19
N THR A 115 4.03 14.71 -3.17
CA THR A 115 4.52 15.34 -4.40
C THR A 115 5.57 14.54 -5.14
N HIS A 116 6.06 13.47 -4.53
CA HIS A 116 7.05 12.60 -5.14
C HIS A 116 6.52 11.21 -5.39
N LYS A 117 5.20 11.07 -5.38
CA LYS A 117 4.54 9.80 -5.64
C LYS A 117 4.82 8.69 -4.62
N GLN A 118 5.30 9.05 -3.43
CA GLN A 118 5.45 8.10 -2.33
C GLN A 118 4.15 8.06 -1.60
N TYR A 119 3.13 7.52 -2.25
CA TYR A 119 1.77 7.58 -1.73
C TYR A 119 1.58 6.73 -0.47
N ASP A 120 2.39 5.69 -0.33
CA ASP A 120 2.29 4.78 0.80
C ASP A 120 2.62 5.44 2.11
N SER A 121 3.34 6.56 2.06
CA SER A 121 3.72 7.30 3.28
C SER A 121 2.76 8.43 3.69
N VAL A 122 1.67 8.62 2.94
CA VAL A 122 0.74 9.69 3.22
C VAL A 122 -0.29 9.29 4.26
N CYS A 123 -0.43 10.11 5.31
CA CYS A 123 -1.41 9.89 6.38
C CYS A 123 -2.27 11.13 6.65
N VAL A 124 -3.48 10.90 7.15
CA VAL A 124 -4.25 11.94 7.83
C VAL A 124 -4.20 11.62 9.31
N LEU A 125 -3.87 12.62 10.12
CA LEU A 125 -3.68 12.43 11.57
C LEU A 125 -4.53 13.39 12.38
N VAL A 126 -5.40 12.84 13.22
CA VAL A 126 -6.18 13.61 14.16
C VAL A 126 -6.05 13.00 15.53
N GLY A 127 -5.53 13.80 16.45
CA GLY A 127 -5.36 13.35 17.81
C GLY A 127 -6.12 14.29 18.71
N VAL A 128 -6.50 13.80 19.90
CA VAL A 128 -7.26 14.58 20.85
C VAL A 128 -6.70 14.44 22.27
N THR A 129 -6.67 15.56 23.01
CA THR A 129 -6.44 15.53 24.44
C THR A 129 -7.71 15.93 25.20
N TYR A 130 -7.82 15.40 26.41
CA TYR A 130 -8.92 15.71 27.29
C TYR A 130 -8.31 16.01 28.64
N LYS A 131 -8.53 17.22 29.15
CA LYS A 131 -7.87 17.70 30.37
C LYS A 131 -6.35 17.52 30.27
N GLY A 132 -5.80 17.86 29.11
CA GLY A 132 -4.36 17.75 28.83
C GLY A 132 -3.86 16.36 28.51
N LYS A 133 -4.70 15.35 28.68
CA LYS A 133 -4.27 13.97 28.63
C LYS A 133 -4.66 13.34 27.29
N PRO A 134 -3.71 12.71 26.57
CA PRO A 134 -4.06 12.13 25.27
C PRO A 134 -5.19 11.12 25.39
N MET A 135 -6.16 11.20 24.48
CA MET A 135 -7.40 10.46 24.63
C MET A 135 -7.85 9.72 23.37
N ILE A 136 -7.75 10.35 22.21
CA ILE A 136 -8.20 9.74 20.96
C ILE A 136 -7.18 9.96 19.87
N GLY A 137 -6.93 8.92 19.10
CA GLY A 137 -6.04 9.01 17.97
C GLY A 137 -6.71 8.39 16.78
N ILE A 138 -6.72 9.10 15.66
CA ILE A 138 -7.31 8.58 14.43
C ILE A 138 -6.32 8.78 13.30
N VAL A 139 -6.04 7.72 12.58
CA VAL A 139 -5.11 7.78 11.48
C VAL A 139 -5.75 7.16 10.25
N SER A 140 -5.57 7.82 9.11
CA SER A 140 -6.02 7.27 7.84
C SER A 140 -4.89 7.23 6.85
N LYS A 141 -4.89 6.19 6.03
CA LYS A 141 -3.95 6.06 4.93
C LYS A 141 -4.78 6.07 3.64
N PRO A 142 -4.96 7.25 3.03
CA PRO A 142 -5.83 7.38 1.85
C PRO A 142 -5.49 6.46 0.68
N PHE A 143 -4.22 6.16 0.48
CA PHE A 143 -3.82 5.34 -0.69
C PHE A 143 -3.66 3.88 -0.35
N TYR A 144 -4.22 3.50 0.79
CA TYR A 144 -4.26 2.12 1.22
C TYR A 144 -5.74 1.89 1.54
N ASN A 145 -6.55 2.09 0.50
CA ASN A 145 -8.00 1.98 0.55
C ASN A 145 -8.67 2.82 1.63
N ASN A 146 -8.13 4.00 1.89
CA ASN A 146 -8.65 4.85 2.94
C ASN A 146 -8.81 4.07 4.27
N GLU A 147 -7.87 3.18 4.57
CA GLU A 147 -7.89 2.44 5.82
C GLU A 147 -7.74 3.43 6.97
N ILE A 148 -8.64 3.33 7.94
CA ILE A 148 -8.59 4.13 9.14
C ILE A 148 -8.31 3.25 10.36
N THR A 149 -7.33 3.66 11.16
CA THR A 149 -7.00 3.01 12.42
C THR A 149 -7.29 4.03 13.52
N PHE A 150 -7.97 3.62 14.58
CA PHE A 150 -8.15 4.54 15.69
C PHE A 150 -8.23 3.88 17.05
N ALA A 151 -8.08 4.72 18.07
CA ALA A 151 -8.09 4.27 19.45
C ALA A 151 -8.73 5.32 20.33
N ILE A 152 -9.46 4.87 21.34
CA ILE A 152 -10.11 5.75 22.29
C ILE A 152 -9.71 5.24 23.66
N GLU A 153 -8.83 5.99 24.34
CA GLU A 153 -8.21 5.58 25.59
C GLU A 153 -7.55 4.24 25.36
N ASN A 154 -7.90 3.21 26.13
CA ASN A 154 -7.29 1.89 25.99
C ASN A 154 -8.00 0.95 25.00
N TYR A 155 -8.95 1.47 24.23
CA TYR A 155 -9.67 0.68 23.24
C TYR A 155 -9.16 0.97 21.84
N ILE A 156 -9.12 -0.07 21.00
CA ILE A 156 -8.37 0.02 19.75
C ILE A 156 -9.11 -0.68 18.63
N SER A 157 -9.16 -0.04 17.47
CA SER A 157 -9.88 -0.58 16.32
C SER A 157 -9.07 -1.70 15.69
N SER A 158 -9.69 -2.40 14.75
CA SER A 158 -9.06 -3.53 14.12
C SER A 158 -7.79 -3.11 13.37
N ILE A 159 -6.76 -3.94 13.45
CA ILE A 159 -5.46 -3.64 12.88
C ILE A 159 -4.78 -4.91 12.41
N SER A 160 -4.33 -4.90 11.16
CA SER A 160 -3.54 -6.01 10.61
C SER A 160 -2.13 -5.93 11.14
N LEU A 161 -1.63 -7.02 11.70
CA LEU A 161 -0.28 -7.06 12.19
C LEU A 161 0.55 -7.97 11.32
N GLN A 162 1.69 -7.48 10.85
CA GLN A 162 2.65 -8.35 10.18
C GLN A 162 3.23 -9.31 11.21
N PRO A 163 3.46 -10.56 10.82
CA PRO A 163 4.19 -11.48 11.70
C PRO A 163 5.47 -10.84 12.22
N LEU A 164 5.63 -10.85 13.55
CA LEU A 164 6.80 -10.30 14.19
C LEU A 164 8.09 -10.76 13.53
N ASN A 165 9.04 -9.83 13.44
CA ASN A 165 10.27 -10.11 12.75
C ASN A 165 11.16 -11.12 13.49
N ASP A 166 11.50 -10.81 14.74
CA ASP A 166 12.49 -11.56 15.58
C ASP A 166 13.88 -10.91 15.59
N LYS A 167 14.18 -10.14 14.55
CA LYS A 167 15.21 -9.16 14.60
C LYS A 167 14.49 -7.89 14.96
N ILE A 168 15.11 -7.03 15.77
CA ILE A 168 14.50 -5.76 16.16
C ILE A 168 14.68 -4.75 15.03
N ILE A 169 13.58 -4.16 14.59
CA ILE A 169 13.58 -3.26 13.44
C ILE A 169 13.53 -1.77 13.83
N PHE A 170 14.60 -1.05 13.52
CA PHE A 170 14.61 0.40 13.62
C PHE A 170 14.08 0.97 12.31
N VAL A 171 13.27 2.02 12.41
CA VAL A 171 12.76 2.67 11.22
C VAL A 171 13.10 4.18 11.25
N CYS A 172 13.64 4.68 10.14
CA CYS A 172 14.00 6.09 10.01
C CYS A 172 14.00 6.52 8.54
N SER A 173 13.96 7.82 8.30
CA SER A 173 14.14 8.35 6.92
C SER A 173 15.62 8.33 6.56
N LYS A 174 15.92 8.22 5.27
CA LYS A 174 17.31 8.25 4.78
C LYS A 174 18.01 9.52 5.23
N LYS A 175 17.31 10.66 5.16
CA LYS A 175 17.87 11.96 5.54
C LYS A 175 18.22 12.04 7.03
N ASN A 176 17.53 11.29 7.89
CA ASN A 176 17.86 11.22 9.32
C ASN A 176 18.42 9.88 9.75
N ASP A 177 19.29 9.31 8.93
CA ASP A 177 19.81 7.97 9.13
C ASP A 177 20.60 7.86 10.43
N ILE A 178 19.95 7.31 11.44
CA ILE A 178 20.51 7.15 12.80
C ILE A 178 21.34 5.86 13.00
N GLN A 179 21.58 5.10 11.94
CA GLN A 179 22.23 3.77 12.05
C GLN A 179 23.57 3.75 12.79
N HIS A 180 24.30 4.86 12.70
CA HIS A 180 25.61 4.96 13.33
C HIS A 180 25.49 5.28 14.80
N LEU A 181 24.38 5.91 15.17
CA LEU A 181 24.11 6.28 16.56
C LEU A 181 23.83 5.05 17.46
N ILE A 182 23.40 3.94 16.86
CA ILE A 182 22.91 2.76 17.60
C ILE A 182 23.71 1.50 17.29
N LYS A 183 24.96 1.66 16.87
CA LYS A 183 25.79 0.51 16.54
C LYS A 183 26.03 -0.43 17.75
N SER A 184 25.95 0.12 18.95
CA SER A 184 26.15 -0.67 20.18
C SER A 184 24.91 -1.43 20.67
N PHE A 185 23.82 -1.41 19.89
CA PHE A 185 22.57 -2.06 20.28
C PHE A 185 22.79 -3.54 20.64
N PRO A 186 22.29 -3.97 21.81
CA PRO A 186 22.68 -5.29 22.38
C PRO A 186 22.31 -6.52 21.55
N ASP A 187 21.13 -6.48 20.91
CA ASP A 187 20.56 -7.65 20.24
C ASP A 187 20.52 -7.48 18.71
N PRO A 188 20.21 -8.56 17.97
CA PRO A 188 20.17 -8.44 16.51
C PRO A 188 19.10 -7.47 16.06
N TYR A 189 19.41 -6.71 15.02
CA TYR A 189 18.53 -5.64 14.58
C TYR A 189 18.76 -5.28 13.12
N GLU A 190 17.82 -4.50 12.57
CA GLU A 190 17.90 -4.00 11.19
C GLU A 190 17.38 -2.57 11.13
N VAL A 191 17.77 -1.87 10.06
CA VAL A 191 17.27 -0.53 9.80
C VAL A 191 16.45 -0.58 8.52
N LYS A 192 15.21 -0.10 8.61
CA LYS A 192 14.35 0.07 7.45
C LYS A 192 14.20 1.56 7.21
N TYR A 193 14.26 1.96 5.95
CA TYR A 193 14.10 3.35 5.59
C TYR A 193 12.69 3.65 5.10
N LYS A 194 12.04 4.63 5.74
CA LYS A 194 10.67 4.99 5.39
C LYS A 194 10.47 6.50 5.57
N GLY A 195 9.93 7.15 4.53
CA GLY A 195 9.57 8.55 4.59
C GLY A 195 8.27 8.70 5.35
N GLY A 196 8.01 9.91 5.85
CA GLY A 196 6.78 10.19 6.59
C GLY A 196 6.85 9.80 8.05
N SER A 197 6.53 10.75 8.93
CA SER A 197 6.61 10.52 10.36
C SER A 197 5.38 9.76 10.85
N GLY A 198 4.24 10.07 10.26
CA GLY A 198 3.03 9.32 10.52
C GLY A 198 3.25 7.86 10.13
N ALA A 199 3.79 7.65 8.93
CA ALA A 199 4.04 6.32 8.40
C ALA A 199 4.96 5.51 9.31
N LYS A 200 5.99 6.16 9.82
CA LYS A 200 6.94 5.48 10.68
C LYS A 200 6.32 4.99 12.00
N MET A 201 5.42 5.78 12.57
CA MET A 201 4.70 5.32 13.76
C MET A 201 3.71 4.21 13.43
N MET A 202 3.06 4.31 12.28
CA MET A 202 2.14 3.28 11.83
C MET A 202 2.86 1.96 11.60
N ALA A 203 4.08 2.05 11.07
CA ALA A 203 4.90 0.88 10.87
C ALA A 203 5.04 0.09 12.17
N ILE A 204 5.24 0.79 13.29
CA ILE A 204 5.33 0.13 14.58
C ILE A 204 4.01 -0.47 15.01
N ILE A 205 2.94 0.28 14.79
CA ILE A 205 1.60 -0.16 15.13
C ILE A 205 1.20 -1.43 14.36
N HIS A 206 1.64 -1.54 13.12
CA HIS A 206 1.40 -2.74 12.32
C HIS A 206 2.52 -3.82 12.44
N GLN A 207 3.40 -3.68 13.42
CA GLN A 207 4.56 -4.58 13.59
C GLN A 207 5.47 -4.73 12.36
N GLU A 208 5.57 -3.70 11.53
CA GLU A 208 6.57 -3.68 10.49
C GLU A 208 7.86 -3.12 11.10
N ALA A 209 7.77 -2.52 12.28
CA ALA A 209 8.93 -1.98 12.98
C ALA A 209 8.75 -1.95 14.49
N ASP A 210 9.87 -1.78 15.20
CA ASP A 210 9.92 -1.78 16.66
C ASP A 210 10.30 -0.46 17.31
N ILE A 211 11.26 0.24 16.72
CA ILE A 211 11.76 1.47 17.31
C ILE A 211 11.87 2.58 16.28
N TYR A 212 11.33 3.74 16.65
CA TYR A 212 11.46 4.94 15.86
C TYR A 212 12.17 5.96 16.75
N TYR A 213 13.42 6.25 16.40
CA TYR A 213 14.27 7.13 17.17
C TYR A 213 14.47 8.41 16.37
N HIS A 214 13.96 9.51 16.92
CA HIS A 214 13.97 10.79 16.27
C HIS A 214 14.60 11.82 17.23
N PRO A 215 15.94 11.80 17.35
CA PRO A 215 16.65 12.72 18.23
C PRO A 215 16.87 14.05 17.53
N LEU A 216 15.78 14.73 17.20
CA LEU A 216 15.78 15.93 16.37
C LEU A 216 14.53 16.74 16.72
N ILE A 217 14.57 18.04 16.46
CA ILE A 217 13.41 18.91 16.64
C ILE A 217 12.74 19.15 15.28
N GLN A 218 12.26 18.09 14.68
CA GLN A 218 11.52 18.17 13.41
C GLN A 218 10.05 17.81 13.56
N SER A 219 9.69 17.06 14.59
CA SER A 219 8.30 16.64 14.77
C SER A 219 7.50 17.72 15.46
N CYS A 220 6.20 17.77 15.12
CA CYS A 220 5.26 18.66 15.77
C CYS A 220 4.18 17.83 16.47
N THR A 221 3.42 18.50 17.33
CA THR A 221 2.33 17.87 18.08
C THR A 221 1.41 17.01 17.20
N TRP A 222 1.00 17.54 16.06
CA TRP A 222 0.04 16.85 15.20
C TRP A 222 0.67 15.67 14.50
N ASP A 223 2.00 15.64 14.42
CA ASP A 223 2.68 14.50 13.84
C ASP A 223 2.61 13.26 14.75
N THR A 224 2.49 13.45 16.06
CA THR A 224 2.62 12.35 17.05
C THR A 224 1.35 11.89 17.79
N LEU A 225 0.45 12.81 18.08
CA LEU A 225 -0.60 12.51 19.04
C LEU A 225 -1.49 11.37 18.63
N ALA A 226 -1.88 11.36 17.36
CA ALA A 226 -2.82 10.36 16.84
C ALA A 226 -2.26 8.95 16.99
N ALA A 227 -1.05 8.75 16.48
CA ALA A 227 -0.38 7.47 16.58
C ALA A 227 -0.02 7.14 18.04
N GLN A 228 0.29 8.15 18.84
CA GLN A 228 0.63 7.92 20.24
C GLN A 228 -0.48 7.19 20.99
N VAL A 229 -1.71 7.66 20.82
CA VAL A 229 -2.84 7.09 21.57
C VAL A 229 -3.03 5.63 21.20
N ILE A 230 -2.83 5.33 19.91
CA ILE A 230 -2.98 3.97 19.38
C ILE A 230 -1.87 3.03 19.90
N LEU A 231 -0.62 3.41 19.65
CA LEU A 231 0.53 2.66 20.12
C LEU A 231 0.46 2.46 21.63
N GLU A 232 0.04 3.48 22.36
CA GLU A 232 -0.04 3.34 23.80
C GLU A 232 -1.14 2.38 24.18
N ALA A 233 -2.23 2.39 23.44
CA ALA A 233 -3.29 1.40 23.65
C ALA A 233 -2.82 -0.02 23.34
N GLN A 234 -1.85 -0.18 22.45
CA GLN A 234 -1.29 -1.51 22.19
C GLN A 234 -0.34 -1.96 23.29
N GLY A 235 0.09 -1.03 24.14
CA GLY A 235 1.07 -1.34 25.17
C GLY A 235 2.46 -0.86 24.82
N GLY A 236 2.59 -0.09 23.74
CA GLY A 236 3.86 0.51 23.38
C GLY A 236 4.13 1.78 24.18
N ILE A 237 5.21 2.46 23.83
CA ILE A 237 5.65 3.67 24.53
C ILE A 237 5.92 4.79 23.52
N VAL A 238 5.49 6.00 23.85
CA VAL A 238 5.90 7.20 23.13
C VAL A 238 6.36 8.25 24.13
N CYS A 239 7.54 8.83 23.91
CA CYS A 239 8.11 9.80 24.84
C CYS A 239 9.22 10.65 24.18
N ASP A 240 9.78 11.59 24.96
CA ASP A 240 11.08 12.26 24.66
C ASP A 240 12.15 11.24 24.36
N ILE A 241 13.29 11.71 23.85
CA ILE A 241 14.47 10.87 23.79
C ILE A 241 15.12 10.68 25.16
N TYR A 242 14.69 11.49 26.14
CA TYR A 242 15.09 11.33 27.55
C TYR A 242 14.04 10.58 28.40
N GLY A 243 12.99 10.07 27.76
CA GLY A 243 12.01 9.24 28.47
C GLY A 243 10.79 9.94 29.05
N ASN A 244 10.72 11.27 28.94
CA ASN A 244 9.58 11.99 29.52
C ASN A 244 8.41 12.14 28.55
N PRO A 245 7.22 12.47 29.08
CA PRO A 245 6.08 12.55 28.16
C PRO A 245 6.20 13.74 27.20
N LEU A 246 5.78 13.54 25.96
CA LEU A 246 5.72 14.62 24.98
C LEU A 246 4.74 15.71 25.45
N CYS A 247 5.06 16.98 25.13
CA CYS A 247 4.23 18.09 25.52
C CYS A 247 3.32 18.46 24.37
N TYR A 248 2.11 18.93 24.70
CA TYR A 248 1.11 19.36 23.72
C TYR A 248 0.50 20.71 24.14
N PRO A 249 1.11 21.83 23.69
CA PRO A 249 0.61 23.14 24.08
C PRO A 249 -0.82 23.37 23.64
N SER A 250 -1.52 24.25 24.34
CA SER A 250 -2.95 24.37 24.17
C SER A 250 -3.29 25.37 23.09
N SER A 251 -2.29 26.09 22.59
CA SER A 251 -2.54 27.08 21.56
C SER A 251 -1.44 27.09 20.51
N LYS A 252 -1.84 27.39 19.28
CA LYS A 252 -0.91 27.45 18.15
C LYS A 252 0.02 28.66 18.23
N LYS A 253 -0.36 29.66 19.03
CA LYS A 253 0.54 30.77 19.33
C LYS A 253 1.87 30.26 19.89
N GLU A 254 1.79 29.19 20.66
CA GLU A 254 2.98 28.55 21.21
C GLU A 254 3.53 27.62 20.16
N SER A 255 4.84 27.36 20.26
CA SER A 255 5.52 26.44 19.37
C SER A 255 4.91 25.05 19.50
N MET A 256 4.72 24.41 18.35
CA MET A 256 4.15 23.07 18.30
C MET A 256 5.23 22.02 18.05
N ARG A 257 6.51 22.43 18.05
CA ARG A 257 7.64 21.50 17.91
C ARG A 257 7.86 20.67 19.15
N HIS A 258 8.22 19.40 18.95
CA HIS A 258 8.73 18.57 20.04
C HIS A 258 10.22 18.83 20.15
N LYS A 259 10.58 19.63 21.15
CA LYS A 259 11.93 20.17 21.29
C LYS A 259 12.94 19.21 21.95
N LYS A 260 12.43 18.14 22.57
CA LYS A 260 13.29 17.09 23.13
C LYS A 260 13.14 15.79 22.35
N GLY A 261 12.83 15.91 21.06
CA GLY A 261 12.80 14.79 20.14
C GLY A 261 11.63 13.85 20.35
N VAL A 262 11.66 12.73 19.63
CA VAL A 262 10.65 11.69 19.78
C VAL A 262 11.27 10.29 19.84
N LEU A 263 10.67 9.44 20.67
CA LEU A 263 11.02 8.02 20.74
C LEU A 263 9.77 7.17 20.87
N CYS A 264 9.63 6.19 19.97
CA CYS A 264 8.51 5.24 19.98
C CYS A 264 9.01 3.80 20.07
N LEU A 265 8.42 3.03 20.98
CA LEU A 265 8.79 1.62 21.15
C LEU A 265 7.60 0.71 21.01
N SER A 266 7.76 -0.38 20.24
CA SER A 266 6.75 -1.44 20.20
C SER A 266 6.67 -2.08 21.57
N PRO A 267 5.55 -2.75 21.86
CA PRO A 267 5.39 -3.43 23.15
C PRO A 267 6.61 -4.24 23.55
N ARG A 268 7.10 -5.10 22.66
CA ARG A 268 8.24 -5.94 22.99
C ARG A 268 9.55 -5.19 23.09
N ALA A 269 9.62 -4.00 22.50
CA ALA A 269 10.83 -3.21 22.53
C ALA A 269 10.92 -2.32 23.76
N LYS A 270 9.88 -2.29 24.58
CA LYS A 270 9.92 -1.49 25.81
C LYS A 270 11.11 -1.79 26.70
N LYS A 271 11.57 -3.04 26.70
CA LYS A 271 12.74 -3.41 27.50
C LYS A 271 14.02 -2.66 27.08
N TYR A 272 14.02 -2.09 25.87
CA TYR A 272 15.17 -1.34 25.38
C TYR A 272 15.17 0.16 25.70
N LEU A 273 14.27 0.59 26.59
CA LEU A 273 14.20 2.01 26.94
C LEU A 273 15.47 2.53 27.65
N PRO A 274 15.96 1.80 28.66
CA PRO A 274 17.22 2.20 29.31
C PRO A 274 18.38 2.36 28.35
N TYR A 275 18.52 1.45 27.40
CA TYR A 275 19.58 1.54 26.40
C TYR A 275 19.43 2.84 25.62
N MET A 276 18.21 3.12 25.19
CA MET A 276 17.91 4.30 24.37
C MET A 276 18.12 5.60 25.14
N LEU A 277 17.84 5.55 26.45
CA LEU A 277 18.03 6.70 27.30
C LEU A 277 19.52 7.02 27.51
N SER A 278 20.36 5.99 27.58
CA SER A 278 21.80 6.18 27.72
C SER A 278 22.41 6.68 26.42
N ILE A 279 21.83 6.30 25.28
CA ILE A 279 22.21 6.84 23.97
C ILE A 279 21.85 8.33 23.87
N SER A 280 20.66 8.70 24.37
CA SER A 280 20.20 10.09 24.31
C SER A 280 20.84 10.96 25.38
N LYS A 281 21.41 10.32 26.40
CA LYS A 281 21.88 11.00 27.59
C LYS A 281 22.85 12.15 27.32
N THR A 282 23.66 12.04 26.27
CA THR A 282 24.66 13.07 25.96
C THR A 282 24.28 13.95 24.78
N ILE A 283 22.99 14.09 24.50
CA ILE A 283 22.54 14.88 23.36
C ILE A 283 21.81 16.09 23.88
N LEU A 284 22.29 17.26 23.46
CA LEU A 284 21.54 18.51 23.60
C LEU A 284 21.07 18.98 22.25
N LEU A 285 19.76 18.90 22.05
CA LEU A 285 19.16 19.32 20.82
C LEU A 285 19.09 20.82 20.80
N LEU A 286 19.39 21.41 19.65
CA LEU A 286 19.34 22.83 19.45
C LEU A 286 18.43 23.09 18.29
N GLN A 287 17.82 24.27 18.27
CA GLN A 287 16.85 24.62 17.27
C GLN A 287 17.36 25.86 16.53
N HIS A 288 16.71 26.26 15.43
CA HIS A 288 16.93 27.61 14.89
C HIS A 288 15.73 28.17 14.13
N MET B 1 -6.30 -3.51 -39.64
CA MET B 1 -5.38 -4.68 -39.50
C MET B 1 -4.08 -4.35 -38.73
N GLN B 2 -3.70 -3.07 -38.64
CA GLN B 2 -2.41 -2.73 -38.02
C GLN B 2 -2.44 -1.55 -37.06
N THR B 3 -1.41 -1.48 -36.21
CA THR B 3 -1.19 -0.32 -35.34
C THR B 3 0.29 -0.24 -34.97
N SER B 4 0.68 0.89 -34.37
CA SER B 4 2.02 1.04 -33.85
C SER B 4 2.10 0.50 -32.43
N LEU B 5 3.29 0.02 -32.09
CA LEU B 5 3.60 -0.48 -30.76
C LEU B 5 3.45 0.61 -29.69
N PHE B 6 3.91 1.82 -29.98
CA PHE B 6 3.77 2.93 -29.05
C PHE B 6 2.30 3.25 -28.79
N GLU B 7 1.47 3.28 -29.84
CA GLU B 7 0.02 3.44 -29.67
C GLU B 7 -0.53 2.35 -28.81
N PHE B 8 -0.15 1.12 -29.14
CA PHE B 8 -0.70 -0.04 -28.46
C PHE B 8 -0.31 -0.06 -26.98
N ALA B 9 0.95 0.22 -26.69
CA ALA B 9 1.41 0.27 -25.31
C ALA B 9 0.70 1.37 -24.53
N ASN B 10 0.52 2.52 -25.18
CA ASN B 10 -0.22 3.61 -24.55
C ASN B 10 -1.64 3.25 -24.20
N VAL B 11 -2.30 2.54 -25.10
CA VAL B 11 -3.68 2.12 -24.84
C VAL B 11 -3.76 1.18 -23.64
N LEU B 12 -2.88 0.19 -23.62
CA LEU B 12 -2.85 -0.77 -22.51
C LEU B 12 -2.52 -0.08 -21.19
N ILE B 13 -1.56 0.83 -21.21
CA ILE B 13 -1.15 1.54 -20.01
C ILE B 13 -2.27 2.43 -19.51
N THR B 14 -2.90 3.14 -20.42
CA THR B 14 -4.06 3.93 -20.08
C THR B 14 -5.14 3.07 -19.40
N ALA B 15 -5.42 1.91 -19.98
CA ALA B 15 -6.45 1.03 -19.43
C ALA B 15 -6.11 0.63 -18.01
N VAL B 16 -4.86 0.22 -17.80
CA VAL B 16 -4.42 -0.25 -16.50
C VAL B 16 -4.46 0.88 -15.45
N LYS B 17 -4.00 2.07 -15.83
CA LYS B 17 -4.06 3.22 -14.92
C LYS B 17 -5.49 3.49 -14.51
N GLU B 18 -6.39 3.49 -15.48
CA GLU B 18 -7.77 3.81 -15.21
C GLU B 18 -8.40 2.77 -14.30
N ALA B 19 -8.12 1.50 -14.57
CA ALA B 19 -8.64 0.43 -13.74
C ALA B 19 -8.11 0.51 -12.31
N SER B 20 -6.80 0.66 -12.18
CA SER B 20 -6.16 0.81 -10.87
C SER B 20 -6.82 1.92 -10.12
N TYR B 21 -6.99 3.06 -10.79
CA TYR B 21 -7.60 4.23 -10.18
C TYR B 21 -8.99 3.90 -9.68
N SER B 22 -9.76 3.18 -10.49
CA SER B 22 -11.09 2.77 -10.07
C SER B 22 -11.04 1.91 -8.81
N ILE B 23 -10.05 1.04 -8.71
CA ILE B 23 -9.93 0.16 -7.53
C ILE B 23 -9.53 0.94 -6.31
N SER B 24 -8.46 1.72 -6.43
CA SER B 24 -7.94 2.47 -5.28
C SER B 24 -8.93 3.54 -4.78
N LYS B 25 -9.62 4.22 -5.67
CA LYS B 25 -10.76 5.07 -5.33
C LYS B 25 -12.03 4.26 -5.53
N PHE B 26 -12.70 3.85 -4.47
CA PHE B 26 -13.92 3.11 -4.66
C PHE B 26 -14.78 3.30 -3.46
N LYS B 27 -15.99 3.80 -3.64
CA LYS B 27 -16.77 4.33 -2.52
C LYS B 27 -17.92 3.44 -2.04
N GLU B 28 -18.63 2.81 -2.96
CA GLU B 28 -19.80 2.01 -2.60
C GLU B 28 -19.37 0.76 -1.82
N GLU B 29 -20.33 0.15 -1.14
CA GLU B 29 -20.10 -1.03 -0.33
C GLU B 29 -19.77 -2.24 -1.21
N VAL B 30 -18.75 -3.01 -0.81
CA VAL B 30 -18.35 -4.18 -1.60
C VAL B 30 -19.34 -5.30 -1.38
N GLU B 31 -19.78 -5.93 -2.48
CA GLU B 31 -20.73 -7.03 -2.43
C GLU B 31 -20.05 -8.27 -3.04
N ILE B 32 -19.96 -9.35 -2.26
CA ILE B 32 -19.16 -10.53 -2.63
C ILE B 32 -20.01 -11.66 -3.22
N LYS B 33 -19.99 -11.79 -4.54
CA LYS B 33 -20.58 -12.96 -5.19
C LYS B 33 -19.62 -14.14 -5.06
N TYR B 34 -20.18 -15.34 -5.06
CA TYR B 34 -19.41 -16.57 -5.00
C TYR B 34 -19.67 -17.37 -6.26
N LYS B 35 -18.63 -17.55 -7.07
CA LYS B 35 -18.76 -18.37 -8.29
C LYS B 35 -19.12 -19.82 -7.96
N SER B 36 -19.55 -20.54 -8.98
CA SER B 36 -20.02 -21.93 -8.83
C SER B 36 -18.90 -22.93 -8.48
N ASP B 37 -17.73 -22.42 -8.12
CA ASP B 37 -16.65 -23.23 -7.56
C ASP B 37 -16.13 -22.59 -6.26
N GLY B 38 -16.99 -21.82 -5.58
CA GLY B 38 -16.64 -21.21 -4.31
C GLY B 38 -15.89 -19.89 -4.38
N SER B 39 -15.14 -19.65 -5.47
CA SER B 39 -14.26 -18.48 -5.58
C SER B 39 -15.03 -17.16 -5.55
N GLU B 40 -14.38 -16.12 -5.04
CA GLU B 40 -15.00 -14.82 -4.83
C GLU B 40 -14.91 -13.95 -6.07
N VAL B 41 -15.86 -13.03 -6.14
CA VAL B 41 -15.87 -11.99 -7.15
C VAL B 41 -16.72 -10.83 -6.62
N THR B 42 -16.26 -9.61 -6.84
CA THR B 42 -16.98 -8.42 -6.40
C THR B 42 -17.23 -7.50 -7.58
N GLN B 43 -18.11 -6.52 -7.38
CA GLN B 43 -18.37 -5.52 -8.41
C GLN B 43 -17.10 -4.73 -8.73
N VAL B 44 -16.15 -4.68 -7.80
CA VAL B 44 -14.88 -4.01 -8.04
C VAL B 44 -14.08 -4.78 -9.09
N ASP B 45 -14.11 -6.13 -9.04
CA ASP B 45 -13.39 -6.95 -10.01
C ASP B 45 -13.98 -6.72 -11.39
N THR B 46 -15.31 -6.78 -11.47
CA THR B 46 -15.97 -6.69 -12.77
C THR B 46 -15.88 -5.31 -13.36
N GLN B 47 -16.05 -4.28 -12.54
CA GLN B 47 -15.93 -2.90 -13.04
C GLN B 47 -14.53 -2.60 -13.56
N SER B 48 -13.51 -3.06 -12.86
CA SER B 48 -12.16 -2.96 -13.35
C SER B 48 -11.98 -3.61 -14.73
N GLN B 49 -12.55 -4.81 -14.90
CA GLN B 49 -12.42 -5.52 -16.16
C GLN B 49 -13.11 -4.80 -17.28
N GLN B 50 -14.29 -4.26 -17.02
CA GLN B 50 -15.04 -3.51 -18.03
C GLN B 50 -14.27 -2.27 -18.51
N ILE B 51 -13.64 -1.60 -17.57
CA ILE B 51 -12.82 -0.44 -17.87
C ILE B 51 -11.72 -0.86 -18.83
N ILE B 52 -10.94 -1.87 -18.44
CA ILE B 52 -9.86 -2.37 -19.25
C ILE B 52 -10.36 -2.76 -20.63
N PHE B 53 -11.41 -3.57 -20.68
CA PHE B 53 -11.96 -4.04 -21.96
C PHE B 53 -12.52 -2.89 -22.81
N SER B 54 -13.20 -1.94 -22.18
CA SER B 54 -13.82 -0.84 -22.92
C SER B 54 -12.76 0.06 -23.56
N ILE B 55 -11.75 0.41 -22.79
CA ILE B 55 -10.68 1.27 -23.28
C ILE B 55 -9.95 0.61 -24.45
N ILE B 56 -9.63 -0.66 -24.30
CA ILE B 56 -8.85 -1.35 -25.32
C ILE B 56 -9.68 -1.58 -26.58
N LYS B 57 -10.89 -2.09 -26.41
CA LYS B 57 -11.76 -2.41 -27.56
C LYS B 57 -12.29 -1.18 -28.29
N ASN B 58 -12.39 -0.05 -27.60
CA ASN B 58 -12.74 1.18 -28.28
C ASN B 58 -11.69 1.56 -29.34
N LYS B 59 -10.42 1.28 -29.08
CA LYS B 59 -9.36 1.47 -30.08
C LYS B 59 -9.27 0.31 -31.05
N TYR B 60 -9.36 -0.91 -30.53
CA TYR B 60 -9.15 -2.09 -31.35
C TYR B 60 -10.33 -3.05 -31.21
N PRO B 61 -11.44 -2.75 -31.89
CA PRO B 61 -12.63 -3.58 -31.71
C PRO B 61 -12.44 -5.07 -32.05
N THR B 62 -11.55 -5.39 -32.99
CA THR B 62 -11.36 -6.78 -33.39
C THR B 62 -10.41 -7.56 -32.48
N ILE B 63 -9.80 -6.89 -31.51
CA ILE B 63 -8.69 -7.51 -30.81
C ILE B 63 -9.14 -8.65 -29.91
N ASN B 64 -8.28 -9.66 -29.82
CA ASN B 64 -8.51 -10.82 -28.98
C ASN B 64 -8.06 -10.56 -27.56
N ILE B 65 -9.02 -10.61 -26.65
CA ILE B 65 -8.77 -10.26 -25.28
C ILE B 65 -9.56 -11.15 -24.32
N ILE B 66 -8.84 -11.73 -23.37
CA ILE B 66 -9.35 -12.72 -22.46
C ILE B 66 -9.16 -12.25 -21.02
N GLY B 67 -10.22 -12.31 -20.23
CA GLY B 67 -10.19 -11.79 -18.86
C GLY B 67 -10.73 -12.82 -17.88
N GLU B 68 -10.24 -12.77 -16.64
CA GLU B 68 -10.69 -13.69 -15.61
C GLU B 68 -12.21 -13.69 -15.58
N GLU B 69 -12.79 -12.53 -15.37
CA GLU B 69 -14.22 -12.43 -15.07
C GLU B 69 -15.12 -12.51 -16.29
N ASP B 70 -16.41 -12.69 -16.02
CA ASP B 70 -17.42 -12.83 -17.07
C ASP B 70 -18.02 -11.48 -17.47
N VAL B 71 -17.19 -10.55 -17.91
CA VAL B 71 -17.69 -9.30 -18.47
C VAL B 71 -16.83 -8.92 -19.66
N GLU B 72 -17.35 -8.03 -20.48
CA GLU B 72 -16.65 -7.55 -21.67
C GLU B 72 -16.63 -6.02 -21.62
N ASN B 73 -16.76 -5.35 -22.76
CA ASN B 73 -16.57 -3.89 -22.87
C ASN B 73 -17.76 -2.93 -22.68
N GLY B 74 -18.54 -3.10 -21.61
CA GLY B 74 -19.72 -2.25 -21.40
C GLY B 74 -19.73 -0.72 -21.64
N ILE B 75 -18.59 -0.05 -21.42
CA ILE B 75 -18.57 1.38 -21.10
C ILE B 75 -18.43 2.32 -22.30
N PRO B 76 -19.30 3.35 -22.37
CA PRO B 76 -19.33 4.22 -23.55
C PRO B 76 -18.12 5.11 -23.64
N ASP B 77 -17.73 5.40 -24.88
CA ASP B 77 -16.53 6.15 -25.23
C ASP B 77 -16.34 7.43 -24.42
N ASN B 78 -17.43 8.13 -24.13
CA ASN B 78 -17.34 9.44 -23.48
C ASN B 78 -17.20 9.40 -21.95
N GLN B 79 -17.27 8.23 -21.34
CA GLN B 79 -16.82 8.08 -19.95
C GLN B 79 -15.36 7.61 -19.82
N LEU B 80 -14.70 7.36 -20.94
CA LEU B 80 -13.36 6.80 -20.93
C LEU B 80 -12.30 7.89 -21.03
N PRO B 81 -11.19 7.75 -20.28
CA PRO B 81 -10.14 8.74 -20.42
C PRO B 81 -9.55 8.77 -21.82
N THR B 82 -8.93 9.88 -22.16
CA THR B 82 -8.21 9.98 -23.41
C THR B 82 -6.89 9.17 -23.30
N ILE B 83 -6.36 8.73 -24.42
CA ILE B 83 -5.19 7.86 -24.40
C ILE B 83 -3.89 8.67 -24.22
N THR B 84 -3.02 8.19 -23.35
CA THR B 84 -1.70 8.78 -23.14
C THR B 84 -0.86 8.79 -24.41
N GLN B 85 0.05 9.76 -24.48
CA GLN B 85 0.96 9.91 -25.61
C GLN B 85 2.41 9.79 -25.16
N LEU B 86 2.71 8.71 -24.46
CA LEU B 86 4.05 8.45 -23.99
C LEU B 86 4.97 7.98 -25.10
N SER B 87 6.23 8.37 -25.02
CA SER B 87 7.28 7.76 -25.84
C SER B 87 8.15 6.93 -24.91
N PHE B 88 8.89 6.00 -25.49
CA PHE B 88 9.56 4.99 -24.72
C PHE B 88 11.06 4.91 -25.02
N GLY B 89 11.75 6.04 -24.89
CA GLY B 89 13.20 6.09 -25.06
C GLY B 89 13.69 5.37 -26.30
N SER B 90 14.68 4.48 -26.13
CA SER B 90 15.33 3.85 -27.29
C SER B 90 14.53 2.70 -27.90
N LEU B 91 13.41 2.31 -27.28
CA LEU B 91 12.57 1.26 -27.83
C LEU B 91 12.09 1.63 -29.22
N GLU B 92 12.09 0.65 -30.11
CA GLU B 92 11.72 0.83 -31.50
C GLU B 92 10.22 0.69 -31.68
N ASN B 93 9.63 1.68 -32.35
CA ASN B 93 8.20 1.70 -32.57
C ASN B 93 7.80 0.88 -33.81
N LYS B 94 7.35 -0.35 -33.57
CA LYS B 94 7.00 -1.27 -34.66
C LYS B 94 5.56 -1.09 -35.12
N ILE B 95 5.32 -1.34 -36.41
CA ILE B 95 3.99 -1.65 -36.90
C ILE B 95 3.70 -3.11 -36.60
N ILE B 96 2.53 -3.40 -36.04
CA ILE B 96 2.17 -4.77 -35.66
C ILE B 96 0.75 -5.09 -36.11
N ASN B 97 0.48 -6.38 -36.26
CA ASN B 97 -0.85 -6.84 -36.66
C ASN B 97 -1.75 -7.08 -35.47
N ILE B 98 -2.88 -6.42 -35.48
CA ILE B 98 -3.86 -6.53 -34.41
C ILE B 98 -4.28 -7.98 -34.19
N ASN B 99 -4.46 -8.72 -35.28
CA ASN B 99 -4.92 -10.10 -35.14
C ASN B 99 -3.83 -11.10 -34.70
N ASP B 100 -2.57 -10.66 -34.61
CA ASP B 100 -1.53 -11.47 -33.98
C ASP B 100 -1.47 -11.27 -32.48
N ILE B 101 -2.29 -10.35 -31.97
CA ILE B 101 -2.27 -10.03 -30.57
C ILE B 101 -3.29 -10.83 -29.80
N ILE B 102 -2.88 -11.30 -28.62
CA ILE B 102 -3.82 -11.84 -27.65
C ILE B 102 -3.48 -11.23 -26.32
N ILE B 103 -4.49 -10.75 -25.61
CA ILE B 103 -4.31 -10.04 -24.35
C ILE B 103 -4.98 -10.82 -23.25
N TYR B 104 -4.30 -10.94 -22.14
CA TYR B 104 -4.75 -11.74 -21.01
C TYR B 104 -4.82 -10.89 -19.75
N VAL B 105 -6.00 -10.81 -19.16
CA VAL B 105 -6.30 -9.81 -18.11
C VAL B 105 -6.79 -10.42 -16.83
N ASP B 106 -6.21 -10.00 -15.72
CA ASP B 106 -6.81 -10.20 -14.41
C ASP B 106 -7.10 -8.80 -13.91
N PRO B 107 -8.39 -8.42 -13.86
CA PRO B 107 -8.75 -7.09 -13.44
C PRO B 107 -8.48 -6.83 -11.96
N LEU B 108 -8.41 -7.90 -11.17
CA LEU B 108 -8.08 -7.78 -9.77
C LEU B 108 -7.57 -9.13 -9.29
N ASP B 109 -6.24 -9.24 -9.22
CA ASP B 109 -5.61 -10.41 -8.66
C ASP B 109 -5.49 -10.27 -7.16
N GLY B 110 -6.06 -11.23 -6.44
CA GLY B 110 -6.09 -11.18 -4.99
C GLY B 110 -7.42 -10.68 -4.51
N THR B 111 -8.51 -11.17 -5.11
CA THR B 111 -9.84 -10.77 -4.71
C THR B 111 -10.06 -11.06 -3.22
N ASP B 112 -9.56 -12.20 -2.75
CA ASP B 112 -9.67 -12.55 -1.33
C ASP B 112 -8.75 -11.71 -0.44
N CYS B 113 -7.56 -11.39 -0.94
CA CYS B 113 -6.67 -10.45 -0.27
C CYS B 113 -7.37 -9.11 -0.09
N TYR B 114 -8.08 -8.67 -1.13
CA TYR B 114 -8.85 -7.43 -1.09
C TYR B 114 -9.92 -7.48 0.01
N THR B 115 -10.75 -8.52 -0.01
CA THR B 115 -11.86 -8.64 0.96
C THR B 115 -11.37 -8.87 2.40
N HIS B 116 -10.08 -9.12 2.59
CA HIS B 116 -9.50 -9.33 3.91
C HIS B 116 -8.54 -8.22 4.30
N LYS B 117 -8.61 -7.09 3.60
CA LYS B 117 -7.74 -5.92 3.87
C LYS B 117 -6.22 -6.15 3.68
N GLN B 118 -5.87 -7.19 2.93
CA GLN B 118 -4.48 -7.39 2.53
C GLN B 118 -4.27 -6.63 1.24
N TYR B 119 -4.29 -5.30 1.32
CA TYR B 119 -4.30 -4.46 0.13
C TYR B 119 -2.97 -4.50 -0.61
N ASP B 120 -1.90 -4.82 0.10
CA ASP B 120 -0.56 -4.91 -0.49
C ASP B 120 -0.43 -6.02 -1.51
N SER B 121 -1.31 -7.01 -1.45
CA SER B 121 -1.26 -8.14 -2.37
C SER B 121 -2.15 -7.98 -3.62
N VAL B 122 -2.84 -6.85 -3.75
CA VAL B 122 -3.77 -6.64 -4.87
C VAL B 122 -3.04 -6.09 -6.09
N CYS B 123 -3.21 -6.77 -7.23
CA CYS B 123 -2.59 -6.37 -8.48
C CYS B 123 -3.60 -6.30 -9.62
N VAL B 124 -3.30 -5.45 -10.60
CA VAL B 124 -3.92 -5.52 -11.90
C VAL B 124 -2.89 -6.08 -12.85
N LEU B 125 -3.25 -7.11 -13.63
CA LEU B 125 -2.32 -7.83 -14.50
C LEU B 125 -2.84 -7.86 -15.95
N VAL B 126 -2.04 -7.30 -16.85
CA VAL B 126 -2.33 -7.37 -18.27
C VAL B 126 -1.08 -7.83 -18.99
N GLY B 127 -1.20 -8.95 -19.67
CA GLY B 127 -0.10 -9.52 -20.42
C GLY B 127 -0.54 -9.67 -21.86
N VAL B 128 0.44 -9.71 -22.76
CA VAL B 128 0.16 -9.78 -24.18
C VAL B 128 1.08 -10.77 -24.87
N THR B 129 0.53 -11.55 -25.80
CA THR B 129 1.33 -12.34 -26.73
C THR B 129 1.21 -11.79 -28.14
N TYR B 130 2.27 -12.00 -28.91
CA TYR B 130 2.31 -11.62 -30.30
C TYR B 130 2.84 -12.81 -31.07
N LYS B 131 2.05 -13.33 -32.01
CA LYS B 131 2.37 -14.59 -32.70
C LYS B 131 2.69 -15.70 -31.70
N GLY B 132 1.88 -15.78 -30.65
CA GLY B 132 2.02 -16.80 -29.60
C GLY B 132 3.10 -16.51 -28.55
N LYS B 133 3.92 -15.50 -28.80
CA LYS B 133 5.12 -15.28 -28.03
C LYS B 133 4.90 -14.13 -27.03
N PRO B 134 5.18 -14.37 -25.74
CA PRO B 134 4.97 -13.29 -24.77
C PRO B 134 5.72 -12.02 -25.14
N MET B 135 5.06 -10.88 -25.05
CA MET B 135 5.59 -9.63 -25.60
C MET B 135 5.51 -8.43 -24.66
N ILE B 136 4.38 -8.27 -23.95
CA ILE B 136 4.20 -7.14 -23.05
C ILE B 136 3.59 -7.61 -21.76
N GLY B 137 4.10 -7.07 -20.66
CA GLY B 137 3.55 -7.33 -19.34
C GLY B 137 3.37 -6.02 -18.61
N ILE B 138 2.20 -5.82 -18.06
CA ILE B 138 1.92 -4.62 -17.28
C ILE B 138 1.32 -5.03 -15.96
N VAL B 139 1.88 -4.53 -14.87
CA VAL B 139 1.37 -4.82 -13.55
C VAL B 139 1.19 -3.53 -12.74
N SER B 140 0.05 -3.42 -12.07
CA SER B 140 -0.20 -2.28 -11.21
C SER B 140 -0.54 -2.75 -9.82
N LYS B 141 -0.10 -1.96 -8.84
CA LYS B 141 -0.45 -2.16 -7.44
C LYS B 141 -1.24 -0.92 -6.98
N PRO B 142 -2.58 -0.97 -7.09
CA PRO B 142 -3.41 0.20 -6.80
C PRO B 142 -3.17 0.81 -5.42
N PHE B 143 -2.81 -0.03 -4.45
CA PHE B 143 -2.61 0.40 -3.07
C PHE B 143 -1.16 0.50 -2.59
N TYR B 144 -0.19 0.33 -3.47
CA TYR B 144 1.20 0.63 -3.12
C TYR B 144 1.85 1.64 -4.06
N ASN B 145 1.86 2.91 -3.67
CA ASN B 145 2.50 3.97 -4.43
C ASN B 145 2.01 4.09 -5.86
N ASN B 146 0.74 3.72 -6.08
CA ASN B 146 0.20 3.48 -7.42
C ASN B 146 1.23 2.94 -8.41
N GLU B 147 1.98 1.95 -7.94
CA GLU B 147 3.11 1.42 -8.69
C GLU B 147 2.58 0.77 -9.95
N ILE B 148 3.15 1.15 -11.09
CA ILE B 148 2.86 0.46 -12.32
C ILE B 148 4.19 0.07 -12.93
N THR B 149 4.36 -1.22 -13.15
CA THR B 149 5.59 -1.76 -13.66
C THR B 149 5.25 -2.39 -14.98
N PHE B 150 6.04 -2.12 -16.00
CA PHE B 150 5.84 -2.83 -17.27
C PHE B 150 7.09 -3.07 -18.10
N ALA B 151 6.94 -3.98 -19.06
CA ALA B 151 8.06 -4.41 -19.90
C ALA B 151 7.55 -4.70 -21.28
N ILE B 152 8.35 -4.34 -22.28
CA ILE B 152 8.01 -4.58 -23.68
C ILE B 152 9.20 -5.29 -24.25
N GLU B 153 9.04 -6.58 -24.54
CA GLU B 153 10.14 -7.44 -24.96
C GLU B 153 11.25 -7.37 -23.91
N ASN B 154 12.48 -7.04 -24.29
CA ASN B 154 13.59 -6.91 -23.34
C ASN B 154 13.74 -5.54 -22.66
N TYR B 155 12.77 -4.65 -22.86
CA TYR B 155 12.83 -3.32 -22.27
C TYR B 155 11.95 -3.29 -21.03
N ILE B 156 12.39 -2.57 -20.01
CA ILE B 156 11.74 -2.64 -18.70
C ILE B 156 11.66 -1.26 -18.03
N SER B 157 10.50 -0.96 -17.45
CA SER B 157 10.25 0.35 -16.81
C SER B 157 10.96 0.43 -15.46
N SER B 158 10.91 1.60 -14.85
CA SER B 158 11.58 1.85 -13.57
C SER B 158 11.01 0.95 -12.48
N ILE B 159 11.89 0.42 -11.63
CA ILE B 159 11.52 -0.55 -10.59
C ILE B 159 12.43 -0.39 -9.38
N SER B 160 11.83 -0.23 -8.21
CA SER B 160 12.56 -0.23 -6.93
C SER B 160 12.97 -1.64 -6.57
N LEU B 161 14.25 -1.84 -6.28
CA LEU B 161 14.74 -3.15 -5.88
C LEU B 161 15.16 -3.08 -4.42
N GLN B 162 14.68 -4.02 -3.61
CA GLN B 162 15.22 -4.18 -2.26
C GLN B 162 16.64 -4.70 -2.38
N PRO B 163 17.54 -4.21 -1.52
CA PRO B 163 18.86 -4.80 -1.47
C PRO B 163 18.75 -6.32 -1.35
N LEU B 164 19.47 -7.03 -2.22
CA LEU B 164 19.52 -8.50 -2.22
C LEU B 164 19.78 -9.07 -0.84
N ASN B 165 19.11 -10.19 -0.57
CA ASN B 165 19.25 -10.91 0.68
C ASN B 165 20.49 -11.79 0.67
N ASP B 166 21.09 -12.00 1.84
CA ASP B 166 22.09 -13.06 2.01
C ASP B 166 21.54 -14.43 1.63
N LYS B 167 20.43 -14.80 2.25
CA LYS B 167 19.81 -16.07 2.00
C LYS B 167 18.92 -16.04 0.76
N ILE B 168 18.70 -17.22 0.19
CA ILE B 168 17.76 -17.39 -0.91
C ILE B 168 16.33 -17.46 -0.36
N ILE B 169 15.46 -16.59 -0.87
CA ILE B 169 14.11 -16.45 -0.36
C ILE B 169 13.05 -17.16 -1.22
N PHE B 170 12.42 -18.18 -0.64
CA PHE B 170 11.24 -18.82 -1.22
C PHE B 170 10.02 -18.06 -0.76
N VAL B 171 9.07 -17.87 -1.66
CA VAL B 171 7.84 -17.19 -1.32
C VAL B 171 6.64 -18.07 -1.69
N CYS B 172 5.71 -18.23 -0.74
CA CYS B 172 4.50 -19.02 -0.95
C CYS B 172 3.37 -18.58 -0.02
N SER B 173 2.14 -18.96 -0.34
CA SER B 173 1.02 -18.72 0.57
C SER B 173 1.04 -19.75 1.68
N LYS B 174 0.47 -19.39 2.82
CA LYS B 174 0.36 -20.31 3.96
C LYS B 174 -0.39 -21.58 3.57
N LYS B 175 -1.46 -21.43 2.80
CA LYS B 175 -2.26 -22.57 2.36
C LYS B 175 -1.50 -23.54 1.44
N ASN B 176 -0.53 -23.04 0.68
CA ASN B 176 0.30 -23.90 -0.18
C ASN B 176 1.74 -23.99 0.32
N ASP B 177 1.89 -24.13 1.63
CA ASP B 177 3.20 -24.12 2.28
C ASP B 177 4.08 -25.26 1.80
N ILE B 178 4.99 -24.94 0.89
CA ILE B 178 5.90 -25.91 0.26
C ILE B 178 7.21 -26.16 1.06
N GLN B 179 7.31 -25.59 2.26
CA GLN B 179 8.57 -25.64 3.04
C GLN B 179 9.15 -27.04 3.26
N HIS B 180 8.27 -28.02 3.33
CA HIS B 180 8.68 -29.39 3.59
C HIS B 180 9.17 -30.06 2.31
N LEU B 181 8.69 -29.56 1.18
CA LEU B 181 9.07 -30.09 -0.13
C LEU B 181 10.54 -29.77 -0.51
N ILE B 182 11.11 -28.73 0.10
CA ILE B 182 12.42 -28.19 -0.29
C ILE B 182 13.44 -28.20 0.85
N LYS B 183 13.25 -29.10 1.81
CA LYS B 183 14.16 -29.16 2.95
C LYS B 183 15.59 -29.52 2.54
N SER B 184 15.76 -30.19 1.40
CA SER B 184 17.09 -30.59 0.91
C SER B 184 17.83 -29.47 0.13
N PHE B 185 17.27 -28.26 0.08
CA PHE B 185 17.84 -27.17 -0.70
C PHE B 185 19.30 -26.91 -0.29
N PRO B 186 20.22 -26.84 -1.27
CA PRO B 186 21.66 -26.88 -0.98
C PRO B 186 22.21 -25.73 -0.13
N ASP B 187 21.70 -24.53 -0.36
CA ASP B 187 22.28 -23.32 0.24
C ASP B 187 21.33 -22.71 1.28
N PRO B 188 21.82 -21.71 2.05
CA PRO B 188 20.94 -21.10 3.05
C PRO B 188 19.75 -20.40 2.41
N TYR B 189 18.60 -20.50 3.07
CA TYR B 189 17.35 -20.03 2.49
C TYR B 189 16.31 -19.71 3.56
N GLU B 190 15.26 -19.02 3.15
CA GLU B 190 14.13 -18.68 4.03
C GLU B 190 12.83 -18.79 3.27
N VAL B 191 11.75 -18.94 4.03
CA VAL B 191 10.40 -18.96 3.47
C VAL B 191 9.68 -17.71 3.96
N LYS B 192 9.15 -16.93 3.01
CA LYS B 192 8.27 -15.81 3.30
C LYS B 192 6.87 -16.18 2.85
N TYR B 193 5.88 -15.85 3.68
CA TYR B 193 4.48 -16.10 3.35
C TYR B 193 3.81 -14.85 2.80
N LYS B 194 3.25 -14.97 1.60
CA LYS B 194 2.61 -13.84 0.93
C LYS B 194 1.42 -14.35 0.16
N GLY B 195 0.28 -13.68 0.36
CA GLY B 195 -0.93 -13.96 -0.41
C GLY B 195 -0.83 -13.30 -1.78
N GLY B 196 -1.63 -13.78 -2.72
CA GLY B 196 -1.65 -13.23 -4.07
C GLY B 196 -0.57 -13.79 -4.96
N SER B 197 -0.97 -14.31 -6.13
CA SER B 197 -0.02 -14.92 -7.07
C SER B 197 0.71 -13.84 -7.84
N GLY B 198 0.00 -12.76 -8.16
CA GLY B 198 0.62 -11.60 -8.77
C GLY B 198 1.67 -11.04 -7.84
N ALA B 199 1.30 -10.85 -6.58
CA ALA B 199 2.19 -10.30 -5.57
C ALA B 199 3.45 -11.12 -5.41
N LYS B 200 3.30 -12.44 -5.43
CA LYS B 200 4.45 -13.33 -5.27
C LYS B 200 5.44 -13.19 -6.42
N MET B 201 4.96 -13.03 -7.64
CA MET B 201 5.86 -12.77 -8.76
C MET B 201 6.50 -11.39 -8.68
N MET B 202 5.72 -10.41 -8.23
CA MET B 202 6.24 -9.04 -8.06
C MET B 202 7.31 -9.00 -6.99
N ALA B 203 7.12 -9.79 -5.93
CA ALA B 203 8.11 -9.92 -4.89
C ALA B 203 9.48 -10.27 -5.49
N ILE B 204 9.49 -11.21 -6.44
CA ILE B 204 10.75 -11.58 -7.11
C ILE B 204 11.28 -10.47 -7.96
N ILE B 205 10.40 -9.81 -8.68
CA ILE B 205 10.79 -8.67 -9.53
C ILE B 205 11.41 -7.53 -8.72
N HIS B 206 10.90 -7.29 -7.51
CA HIS B 206 11.45 -6.27 -6.62
C HIS B 206 12.56 -6.79 -5.69
N GLN B 207 13.07 -8.00 -5.96
CA GLN B 207 14.07 -8.65 -5.11
C GLN B 207 13.69 -8.81 -3.64
N GLU B 208 12.41 -8.95 -3.33
CA GLU B 208 11.98 -9.33 -2.00
C GLU B 208 12.02 -10.86 -1.91
N ALA B 209 12.11 -11.53 -3.06
CA ALA B 209 12.16 -12.99 -3.11
C ALA B 209 12.89 -13.51 -4.34
N ASP B 210 13.25 -14.79 -4.29
CA ASP B 210 14.05 -15.45 -5.34
C ASP B 210 13.32 -16.56 -6.08
N ILE B 211 12.55 -17.37 -5.36
CA ILE B 211 11.89 -18.51 -5.96
C ILE B 211 10.43 -18.60 -5.54
N TYR B 212 9.57 -18.77 -6.53
CA TYR B 212 8.17 -19.01 -6.33
C TYR B 212 7.87 -20.36 -6.96
N TYR B 213 7.59 -21.34 -6.11
CA TYR B 213 7.36 -22.72 -6.52
C TYR B 213 5.90 -23.05 -6.28
N HIS B 214 5.20 -23.31 -7.38
CA HIS B 214 3.77 -23.55 -7.38
C HIS B 214 3.48 -24.86 -8.10
N PRO B 215 3.73 -26.00 -7.42
CA PRO B 215 3.52 -27.31 -8.01
C PRO B 215 2.07 -27.75 -7.86
N LEU B 216 1.19 -26.98 -8.50
CA LEU B 216 -0.26 -27.08 -8.34
C LEU B 216 -0.90 -26.52 -9.59
N ILE B 217 -2.13 -26.96 -9.86
CA ILE B 217 -2.91 -26.41 -10.98
C ILE B 217 -3.91 -25.39 -10.43
N GLN B 218 -3.37 -24.32 -9.84
CA GLN B 218 -4.18 -23.21 -9.35
C GLN B 218 -4.01 -21.93 -10.14
N SER B 219 -2.89 -21.79 -10.86
CA SER B 219 -2.64 -20.59 -11.61
C SER B 219 -3.30 -20.66 -12.98
N CYS B 220 -3.67 -19.48 -13.48
CA CYS B 220 -4.21 -19.35 -14.82
C CYS B 220 -3.29 -18.45 -15.66
N THR B 221 -3.50 -18.48 -16.97
CA THR B 221 -2.74 -17.66 -17.91
C THR B 221 -2.61 -16.20 -17.48
N TRP B 222 -3.70 -15.59 -17.05
CA TRP B 222 -3.67 -14.17 -16.71
C TRP B 222 -2.94 -13.91 -15.42
N ASP B 223 -2.79 -14.95 -14.59
CA ASP B 223 -2.05 -14.79 -13.35
C ASP B 223 -0.54 -14.64 -13.61
N THR B 224 -0.03 -15.18 -14.71
CA THR B 224 1.41 -15.27 -14.97
C THR B 224 2.02 -14.40 -16.07
N LEU B 225 1.27 -14.16 -17.15
CA LEU B 225 1.88 -13.60 -18.34
C LEU B 225 2.51 -12.22 -18.14
N ALA B 226 1.81 -11.36 -17.42
CA ALA B 226 2.26 -9.99 -17.20
C ALA B 226 3.62 -9.98 -16.48
N ALA B 227 3.66 -10.64 -15.34
CA ALA B 227 4.88 -10.71 -14.56
C ALA B 227 5.96 -11.48 -15.30
N GLN B 228 5.57 -12.50 -16.07
CA GLN B 228 6.53 -13.29 -16.83
C GLN B 228 7.40 -12.41 -17.74
N VAL B 229 6.75 -11.53 -18.51
CA VAL B 229 7.47 -10.70 -19.48
C VAL B 229 8.48 -9.80 -18.78
N ILE B 230 8.08 -9.29 -17.61
CA ILE B 230 8.93 -8.42 -16.80
C ILE B 230 10.14 -9.16 -16.21
N LEU B 231 9.87 -10.22 -15.45
CA LEU B 231 10.90 -11.05 -14.85
C LEU B 231 11.85 -11.57 -15.91
N GLU B 232 11.31 -11.95 -17.07
CA GLU B 232 12.17 -12.46 -18.12
C GLU B 232 13.05 -11.34 -18.66
N ALA B 233 12.50 -10.13 -18.76
CA ALA B 233 13.29 -8.97 -19.15
C ALA B 233 14.39 -8.65 -18.13
N GLN B 234 14.19 -8.99 -16.87
CA GLN B 234 15.25 -8.81 -15.87
C GLN B 234 16.33 -9.89 -15.98
N GLY B 235 16.04 -10.97 -16.72
CA GLY B 235 16.96 -12.09 -16.80
C GLY B 235 16.56 -13.25 -15.92
N GLY B 236 15.37 -13.19 -15.33
CA GLY B 236 14.84 -14.32 -14.55
C GLY B 236 14.23 -15.39 -15.45
N ILE B 237 13.62 -16.40 -14.82
CA ILE B 237 13.01 -17.53 -15.52
C ILE B 237 11.58 -17.74 -15.05
N VAL B 238 10.68 -18.01 -16.00
CA VAL B 238 9.34 -18.50 -15.67
C VAL B 238 9.02 -19.72 -16.53
N CYS B 239 8.58 -20.81 -15.92
CA CYS B 239 8.33 -22.04 -16.65
C CYS B 239 7.41 -22.99 -15.85
N ASP B 240 7.13 -24.17 -16.44
CA ASP B 240 6.59 -25.35 -15.75
C ASP B 240 7.43 -25.68 -14.54
N ILE B 241 6.91 -26.58 -13.71
CA ILE B 241 7.74 -27.17 -12.66
C ILE B 241 8.71 -28.21 -13.24
N TYR B 242 8.49 -28.60 -14.50
CA TYR B 242 9.41 -29.48 -15.24
C TYR B 242 10.32 -28.71 -16.19
N GLY B 243 10.29 -27.38 -16.13
CA GLY B 243 11.23 -26.55 -16.87
C GLY B 243 10.81 -26.10 -18.26
N ASN B 244 9.63 -26.51 -18.72
CA ASN B 244 9.19 -26.12 -20.06
C ASN B 244 8.41 -24.81 -20.07
N PRO B 245 8.24 -24.20 -21.25
CA PRO B 245 7.52 -22.91 -21.28
C PRO B 245 6.04 -23.08 -20.95
N LEU B 246 5.49 -22.14 -20.19
CA LEU B 246 4.05 -22.10 -19.93
C LEU B 246 3.26 -21.93 -21.23
N CYS B 247 2.07 -22.54 -21.28
CA CYS B 247 1.21 -22.46 -22.47
C CYS B 247 0.17 -21.39 -22.26
N TYR B 248 -0.22 -20.74 -23.35
CA TYR B 248 -1.24 -19.67 -23.33
C TYR B 248 -2.23 -19.89 -24.48
N PRO B 249 -3.31 -20.66 -24.23
CA PRO B 249 -4.30 -20.92 -25.27
C PRO B 249 -4.94 -19.65 -25.83
N SER B 250 -5.41 -19.72 -27.06
CA SER B 250 -5.80 -18.54 -27.78
C SER B 250 -7.26 -18.19 -27.53
N SER B 251 -7.98 -19.07 -26.84
CA SER B 251 -9.39 -18.83 -26.59
C SER B 251 -9.80 -19.29 -25.20
N LYS B 252 -10.74 -18.56 -24.61
CA LYS B 252 -11.24 -18.86 -23.27
C LYS B 252 -12.10 -20.13 -23.27
N LYS B 253 -12.56 -20.55 -24.44
CA LYS B 253 -13.23 -21.85 -24.59
C LYS B 253 -12.32 -22.97 -24.10
N GLU B 254 -11.02 -22.81 -24.30
CA GLU B 254 -10.05 -23.75 -23.80
C GLU B 254 -9.71 -23.40 -22.36
N SER B 255 -9.24 -24.41 -21.63
CA SER B 255 -8.82 -24.22 -20.25
C SER B 255 -7.68 -23.21 -20.16
N MET B 256 -7.77 -22.32 -19.18
CA MET B 256 -6.76 -21.29 -18.97
C MET B 256 -5.84 -21.63 -17.80
N ARG B 257 -6.01 -22.82 -17.24
CA ARG B 257 -5.17 -23.30 -16.15
C ARG B 257 -3.78 -23.69 -16.62
N HIS B 258 -2.77 -23.39 -15.81
CA HIS B 258 -1.45 -23.93 -16.02
C HIS B 258 -1.40 -25.30 -15.35
N LYS B 259 -1.50 -26.33 -16.18
CA LYS B 259 -1.70 -27.71 -15.72
C LYS B 259 -0.42 -28.42 -15.29
N LYS B 260 0.73 -27.87 -15.64
CA LYS B 260 2.02 -28.38 -15.18
C LYS B 260 2.68 -27.40 -14.20
N GLY B 261 1.85 -26.65 -13.46
CA GLY B 261 2.29 -25.81 -12.37
C GLY B 261 3.06 -24.59 -12.83
N VAL B 262 3.64 -23.88 -11.88
CA VAL B 262 4.46 -22.71 -12.18
C VAL B 262 5.74 -22.69 -11.35
N LEU B 263 6.80 -22.21 -11.99
CA LEU B 263 8.07 -21.96 -11.31
C LEU B 263 8.68 -20.65 -11.79
N CYS B 264 9.02 -19.77 -10.84
CA CYS B 264 9.69 -18.49 -11.13
C CYS B 264 11.00 -18.37 -10.39
N LEU B 265 12.05 -17.99 -11.11
CA LEU B 265 13.37 -17.81 -10.51
C LEU B 265 13.88 -16.40 -10.75
N SER B 266 14.42 -15.79 -9.71
CA SER B 266 15.17 -14.53 -9.86
C SER B 266 16.41 -14.80 -10.70
N PRO B 267 16.98 -13.77 -11.33
CA PRO B 267 18.23 -13.91 -12.09
C PRO B 267 19.29 -14.76 -11.39
N ARG B 268 19.61 -14.44 -10.14
CA ARG B 268 20.64 -15.18 -9.42
C ARG B 268 20.22 -16.59 -9.03
N ALA B 269 18.93 -16.85 -8.99
CA ALA B 269 18.43 -18.16 -8.61
C ALA B 269 18.33 -19.12 -9.79
N LYS B 270 18.61 -18.64 -10.99
CA LYS B 270 18.58 -19.51 -12.17
C LYS B 270 19.45 -20.75 -12.04
N LYS B 271 20.56 -20.63 -11.33
CA LYS B 271 21.44 -21.77 -11.12
C LYS B 271 20.76 -22.92 -10.35
N TYR B 272 19.65 -22.63 -9.66
CA TYR B 272 18.93 -23.65 -8.90
C TYR B 272 17.82 -24.38 -9.69
N LEU B 273 17.80 -24.20 -11.02
CA LEU B 273 16.77 -24.87 -11.84
C LEU B 273 16.88 -26.41 -11.84
N PRO B 274 18.09 -26.96 -12.04
CA PRO B 274 18.25 -28.40 -11.94
C PRO B 274 17.76 -29.00 -10.63
N TYR B 275 18.05 -28.33 -9.51
CA TYR B 275 17.61 -28.81 -8.21
C TYR B 275 16.08 -28.87 -8.20
N MET B 276 15.46 -27.80 -8.68
CA MET B 276 14.01 -27.69 -8.69
C MET B 276 13.36 -28.71 -9.62
N LEU B 277 14.03 -29.03 -10.71
CA LEU B 277 13.53 -30.02 -11.65
C LEU B 277 13.56 -31.42 -11.05
N SER B 278 14.58 -31.70 -10.26
CA SER B 278 14.68 -33.01 -9.59
C SER B 278 13.64 -33.12 -8.49
N ILE B 279 13.29 -32.00 -7.87
CA ILE B 279 12.19 -31.97 -6.89
C ILE B 279 10.84 -32.19 -7.57
N SER B 280 10.65 -31.61 -8.73
CA SER B 280 9.39 -31.75 -9.47
C SER B 280 9.32 -33.07 -10.21
N LYS B 281 10.47 -33.73 -10.37
CA LYS B 281 10.58 -34.93 -11.20
C LYS B 281 9.61 -36.05 -10.82
N THR B 282 9.26 -36.16 -9.54
CA THR B 282 8.34 -37.20 -9.09
C THR B 282 6.94 -36.71 -8.78
N ILE B 283 6.51 -35.63 -9.44
CA ILE B 283 5.17 -35.10 -9.24
C ILE B 283 4.36 -35.21 -10.52
N LEU B 284 3.22 -35.89 -10.45
CA LEU B 284 2.21 -35.84 -11.51
C LEU B 284 0.99 -35.10 -11.03
N LEU B 285 0.80 -33.89 -11.55
CA LEU B 285 -0.32 -33.07 -11.16
C LEU B 285 -1.52 -33.57 -11.93
N LEU B 286 -2.66 -33.62 -11.29
CA LEU B 286 -3.89 -34.06 -11.93
C LEU B 286 -4.86 -32.95 -11.75
N GLN B 287 -5.86 -32.90 -12.62
CA GLN B 287 -6.90 -31.90 -12.54
C GLN B 287 -8.24 -32.55 -12.38
N HIS B 288 -9.23 -31.78 -11.93
CA HIS B 288 -10.64 -32.24 -11.83
C HIS B 288 -11.60 -31.21 -12.44
N HIS B 289 -12.90 -31.55 -12.57
CA HIS B 289 -13.89 -30.69 -13.28
C HIS B 289 -15.29 -30.61 -12.66
P PO4 C . 3.93 17.70 6.34
O1 PO4 C . 5.00 18.54 7.01
O2 PO4 C . 4.54 16.69 5.40
O3 PO4 C . 3.11 16.98 7.41
O4 PO4 C . 2.98 18.61 5.56
MG MG D . 0.94 17.94 6.66
MG MG E . 4.88 20.99 6.51
MG MG F . 3.66 16.27 9.43
MG MG G . -8.70 -11.78 -10.22
MG MG H . -5.76 -14.20 -10.20
P PO4 I . -8.34 -13.74 -8.14
O1 PO4 I . -8.03 -13.48 -6.68
O2 PO4 I . -7.07 -13.60 -8.96
O3 PO4 I . -8.97 -15.11 -8.29
O4 PO4 I . -9.37 -12.72 -8.60
MG MG J . -11.10 -15.78 -8.87
#